data_4WVD
#
_entry.id   4WVD
#
_cell.length_a   53.008
_cell.length_b   161.759
_cell.length_c   169.018
_cell.angle_alpha   90.00
_cell.angle_beta   90.00
_cell.angle_gamma   90.00
#
_symmetry.space_group_name_H-M   'I 21 21 21'
#
loop_
_entity.id
_entity.type
_entity.pdbx_description
1 polymer 'Nuclear receptor corepressor 1'
2 polymer 'Bile acid receptor'
3 non-polymer 'FORMIC ACID'
4 non-polymer "(2aE,4E,5'S,6S,6'R,7S,8E,11R,13R,15S,17aR,20R,20aR,20bS)-6'-[(2S)-butan-2-yl]-20,20b-dihydroxy-5',6,8,19-tetramethyl-17 -oxo-3',4',5',6,6',10,11,14,15,17,17a,20,20a,20b-tetradecahydro-2H,7H-spiro[11,15-methanofuro[4,3,2-pq][2,6]benzodioxacy clooctadecine-13,2'-pyran]-7-yl 2,6-dideoxy-4-O-(2,6-dideoxy-3-O-methyl-alpha-L-arabino-hexopyranosyl)-3-O-methyl-alpha-L-arabino-hexopyranoside"
5 water water
#
loop_
_entity_poly.entity_id
_entity_poly.type
_entity_poly.pdbx_seq_one_letter_code
_entity_poly.pdbx_strand_id
1 'polypeptide(L)' SNLGLEDIIRKALMGSF C,D
2 'polypeptide(L)'
;ELTPDQQTLLHFIMDSYNKQRMPQEITNKILKEEFSAEENFLILTEMATNHVQVLVEFTKKLPGFQTLDHEDQIALLKGS
AVEAMFLRSAEIFNKKLPSGHSDLLEERIRNSGISDEYITPMFSFYKSIGELKMTQEEYALLTAIVILSPDRQYIKDREA
VEKLQEPLLDVLQKLCKIHQPENPQHFACLLGRLTELRTFNHHHAEMLMSW
;
A,B
#
# COMPACT_ATOMS: atom_id res chain seq x y z
N ASN A 2 20.75 -34.42 0.54
CA ASN A 2 19.59 -34.97 -0.24
C ASN A 2 18.24 -34.28 0.11
N LEU A 3 18.24 -32.94 0.16
CA LEU A 3 17.04 -32.17 0.54
C LEU A 3 15.97 -32.07 -0.58
N GLY A 4 16.06 -31.15 -1.56
CA GLY A 4 17.09 -30.12 -1.73
C GLY A 4 16.48 -28.73 -1.56
N LEU A 5 16.26 -28.02 -2.68
CA LEU A 5 15.62 -26.70 -2.59
C LEU A 5 14.13 -26.72 -2.20
N GLU A 6 13.25 -27.19 -3.10
CA GLU A 6 11.78 -27.11 -2.88
C GLU A 6 11.29 -27.20 -1.42
N ASP A 7 12.05 -27.91 -0.58
CA ASP A 7 11.69 -28.05 0.83
C ASP A 7 11.86 -26.72 1.57
N ILE A 8 13.07 -26.22 1.41
CA ILE A 8 13.44 -24.87 1.84
C ILE A 8 12.33 -23.86 1.58
N ILE A 9 11.79 -23.85 0.37
CA ILE A 9 10.70 -22.95 0.02
C ILE A 9 9.43 -23.25 0.78
N ARG A 10 9.09 -24.55 0.92
CA ARG A 10 7.93 -25.02 1.72
C ARG A 10 8.00 -24.45 3.11
N LYS A 11 9.16 -24.67 3.73
CA LYS A 11 9.45 -24.09 5.06
C LYS A 11 9.25 -22.57 5.01
N ALA A 12 10.06 -21.90 4.20
CA ALA A 12 10.01 -20.42 4.08
C ALA A 12 8.65 -19.88 3.82
N LEU A 13 7.80 -20.64 3.16
CA LEU A 13 6.41 -20.22 3.00
C LEU A 13 5.66 -19.94 4.32
N MET A 14 6.03 -20.58 5.43
CA MET A 14 5.71 -20.00 6.77
C MET A 14 6.74 -20.27 7.85
N GLY A 15 6.91 -21.56 8.17
CA GLY A 15 7.66 -22.06 9.35
C GLY A 15 8.98 -21.37 9.61
N SER A 16 10.00 -21.77 8.87
CA SER A 16 11.32 -21.10 8.92
C SER A 16 11.28 -19.55 8.88
N PHE A 17 10.09 -18.96 8.89
CA PHE A 17 9.87 -17.51 9.10
C PHE A 17 10.67 -16.62 8.14
N GLU B 1 -1.26 8.46 -16.53
CA GLU B 1 -2.34 7.73 -17.32
C GLU B 1 -2.83 6.34 -16.74
N LEU B 2 -2.27 5.87 -15.62
CA LEU B 2 -2.71 4.62 -15.01
C LEU B 2 -4.14 4.78 -14.51
N THR B 3 -4.84 3.66 -14.39
CA THR B 3 -6.16 3.64 -13.79
C THR B 3 -6.03 3.30 -12.31
N PRO B 4 -6.95 3.80 -11.47
CA PRO B 4 -7.08 3.48 -10.07
C PRO B 4 -6.55 2.09 -9.70
N ASP B 5 -6.93 1.14 -10.53
CA ASP B 5 -6.60 -0.25 -10.32
C ASP B 5 -5.09 -0.43 -10.43
N GLN B 6 -4.53 0.20 -11.45
CA GLN B 6 -3.10 0.21 -11.67
C GLN B 6 -2.32 0.98 -10.58
N GLN B 7 -2.67 2.23 -10.34
CA GLN B 7 -1.95 3.04 -9.34
C GLN B 7 -1.94 2.36 -7.97
N THR B 8 -3.03 1.65 -7.69
CA THR B 8 -3.16 0.91 -6.45
C THR B 8 -2.21 -0.28 -6.42
N LEU B 9 -2.28 -1.11 -7.45
CA LEU B 9 -1.35 -2.22 -7.64
C LEU B 9 0.09 -1.73 -7.62
N LEU B 10 0.38 -0.59 -8.25
CA LEU B 10 1.77 -0.13 -8.34
C LEU B 10 2.30 0.18 -6.96
N HIS B 11 1.70 1.13 -6.28
CA HIS B 11 2.03 1.48 -4.87
C HIS B 11 2.23 0.25 -3.97
N PHE B 12 1.32 -0.70 -4.06
CA PHE B 12 1.40 -1.89 -3.26
C PHE B 12 2.73 -2.59 -3.51
N ILE B 13 3.06 -2.71 -4.79
CA ILE B 13 4.26 -3.41 -5.20
C ILE B 13 5.50 -2.67 -4.69
N MET B 14 5.53 -1.36 -4.93
CA MET B 14 6.64 -0.48 -4.49
C MET B 14 7.01 -0.59 -3.01
N ASP B 15 6.05 -0.20 -2.18
CA ASP B 15 5.93 -0.56 -0.77
C ASP B 15 6.63 -1.88 -0.42
N SER B 16 6.22 -2.95 -1.09
CA SER B 16 6.68 -4.29 -0.72
C SER B 16 8.10 -4.52 -1.14
N TYR B 17 8.38 -4.15 -2.38
CA TYR B 17 9.73 -4.22 -2.93
C TYR B 17 10.69 -3.42 -2.07
N ASN B 18 10.16 -2.53 -1.22
CA ASN B 18 10.99 -1.68 -0.34
C ASN B 18 11.40 -2.21 1.03
N LYS B 19 10.55 -2.99 1.70
CA LYS B 19 10.85 -3.49 3.06
C LYS B 19 12.09 -4.40 3.09
N GLN B 20 12.73 -4.56 1.93
CA GLN B 20 14.01 -5.28 1.79
C GLN B 20 15.21 -4.32 1.61
N ARG B 21 15.93 -4.11 2.72
CA ARG B 21 17.01 -3.10 2.89
C ARG B 21 18.34 -3.84 3.27
N MET B 22 19.16 -3.43 4.27
CA MET B 22 19.17 -2.12 4.96
C MET B 22 20.38 -1.35 4.46
N PRO B 23 20.18 -0.48 3.44
CA PRO B 23 21.20 -0.01 2.48
C PRO B 23 22.50 0.38 3.13
N GLN B 24 22.39 0.81 4.39
CA GLN B 24 23.53 1.10 5.24
C GLN B 24 24.60 0.01 5.13
N GLU B 25 24.37 -1.16 5.71
CA GLU B 25 25.44 -2.17 5.83
C GLU B 25 25.54 -3.10 4.60
N ILE B 26 24.91 -2.68 3.51
CA ILE B 26 25.26 -3.15 2.19
C ILE B 26 26.60 -2.51 1.79
N THR B 27 27.11 -1.68 2.70
CA THR B 27 28.44 -1.11 2.60
C THR B 27 29.50 -2.07 3.14
N ASN B 28 29.17 -2.74 4.24
CA ASN B 28 29.99 -3.86 4.75
C ASN B 28 30.37 -4.82 3.60
N LYS B 29 29.47 -4.96 2.62
CA LYS B 29 29.71 -5.73 1.39
C LYS B 29 30.35 -4.89 0.29
N ILE B 30 29.82 -3.69 0.08
CA ILE B 30 30.40 -2.75 -0.87
C ILE B 30 31.91 -2.53 -0.64
N LEU B 31 32.29 -1.69 0.31
CA LEU B 31 33.73 -1.48 0.62
C LEU B 31 34.22 -2.29 1.82
N LYS B 32 35.53 -2.22 2.02
CA LYS B 32 36.27 -3.06 2.96
C LYS B 32 35.88 -4.53 2.80
N GLU B 33 36.43 -5.11 1.74
CA GLU B 33 36.50 -6.56 1.60
C GLU B 33 37.80 -6.87 0.88
N PHE B 35 37.46 -7.98 4.44
CA PHE B 35 37.70 -9.37 4.81
C PHE B 35 37.45 -10.30 3.60
N SER B 36 38.40 -10.38 2.66
CA SER B 36 38.20 -11.09 1.38
C SER B 36 38.67 -12.57 1.31
N ALA B 37 38.41 -13.19 0.16
CA ALA B 37 38.73 -14.60 -0.17
C ALA B 37 37.70 -15.59 0.42
N GLU B 38 38.16 -16.68 1.01
CA GLU B 38 37.28 -17.67 1.64
C GLU B 38 36.44 -17.04 2.75
N GLU B 39 36.74 -15.78 3.09
CA GLU B 39 35.88 -15.00 3.95
C GLU B 39 34.66 -14.70 3.12
N ASN B 40 34.87 -13.84 2.14
CA ASN B 40 33.93 -13.54 1.06
C ASN B 40 32.95 -14.66 0.64
N PHE B 41 33.40 -15.91 0.59
CA PHE B 41 32.46 -17.03 0.40
C PHE B 41 31.38 -16.96 1.47
N LEU B 42 31.84 -17.04 2.73
CA LEU B 42 31.00 -17.20 3.92
C LEU B 42 29.95 -16.12 3.99
N ILE B 43 30.27 -14.96 3.44
CA ILE B 43 29.31 -13.89 3.41
C ILE B 43 28.21 -14.12 2.35
N LEU B 44 28.61 -14.30 1.08
CA LEU B 44 27.65 -14.56 0.02
C LEU B 44 26.72 -15.68 0.41
N THR B 45 27.27 -16.87 0.66
CA THR B 45 26.43 -17.99 1.11
C THR B 45 25.34 -17.48 2.04
N GLU B 46 25.68 -16.59 2.97
CA GLU B 46 24.67 -15.97 3.81
C GLU B 46 23.71 -15.16 2.97
N MET B 47 24.16 -13.99 2.54
CA MET B 47 23.50 -13.15 1.53
C MET B 47 22.55 -13.86 0.56
N ALA B 48 23.00 -14.95 -0.05
CA ALA B 48 22.14 -15.76 -0.93
C ALA B 48 20.91 -16.22 -0.17
N THR B 49 21.06 -17.26 0.64
CA THR B 49 20.13 -17.60 1.73
C THR B 49 19.25 -16.47 2.20
N ASN B 50 19.87 -15.32 2.42
CA ASN B 50 19.16 -14.23 3.00
C ASN B 50 18.46 -13.43 1.95
N HIS B 51 18.31 -14.04 0.77
CA HIS B 51 17.68 -13.46 -0.43
C HIS B 51 16.38 -14.20 -0.74
N VAL B 52 16.43 -15.53 -0.58
CA VAL B 52 15.24 -16.40 -0.51
C VAL B 52 14.18 -15.97 0.52
N GLN B 53 14.59 -15.71 1.75
CA GLN B 53 13.56 -15.26 2.72
C GLN B 53 12.88 -13.94 2.29
N VAL B 54 13.62 -13.06 1.60
CA VAL B 54 13.08 -11.77 1.10
C VAL B 54 12.21 -12.05 -0.10
N LEU B 55 12.73 -12.91 -0.97
CA LEU B 55 12.01 -13.24 -2.17
C LEU B 55 10.62 -13.74 -1.81
N VAL B 56 10.57 -14.73 -0.93
CA VAL B 56 9.32 -15.37 -0.51
C VAL B 56 8.39 -14.42 0.25
N GLU B 57 8.91 -13.48 1.01
CA GLU B 57 8.11 -12.46 1.66
C GLU B 57 7.48 -11.56 0.62
N PHE B 58 8.27 -11.15 -0.35
CA PHE B 58 7.79 -10.29 -1.45
C PHE B 58 6.68 -10.98 -2.27
N THR B 59 6.83 -12.29 -2.43
CA THR B 59 5.94 -13.09 -3.25
C THR B 59 4.59 -13.35 -2.57
N LYS B 60 4.59 -13.79 -1.33
CA LYS B 60 3.34 -13.93 -0.58
C LYS B 60 2.44 -12.71 -0.69
N LYS B 61 3.03 -11.51 -0.67
CA LYS B 61 2.25 -10.28 -0.69
C LYS B 61 1.91 -9.79 -2.12
N LEU B 62 2.15 -10.63 -3.14
CA LEU B 62 1.75 -10.30 -4.51
C LEU B 62 0.29 -10.61 -4.68
N PRO B 63 -0.52 -9.61 -5.08
CA PRO B 63 -1.96 -9.72 -5.29
C PRO B 63 -2.35 -10.96 -6.01
N GLY B 64 -2.71 -11.98 -5.23
CA GLY B 64 -3.33 -13.22 -5.73
C GLY B 64 -2.50 -14.45 -5.48
N PHE B 65 -1.29 -14.26 -4.95
CA PHE B 65 -0.36 -15.36 -4.77
C PHE B 65 -0.81 -16.48 -3.88
N GLN B 66 -1.41 -16.14 -2.74
CA GLN B 66 -1.82 -17.16 -1.75
C GLN B 66 -3.03 -17.94 -2.30
N THR B 67 -3.85 -17.23 -3.08
CA THR B 67 -4.98 -17.81 -3.81
C THR B 67 -4.58 -18.88 -4.88
N LEU B 68 -3.31 -18.91 -5.27
CA LEU B 68 -2.86 -19.95 -6.18
C LEU B 68 -2.83 -21.30 -5.51
N ASP B 69 -2.54 -22.34 -6.28
CA ASP B 69 -2.43 -23.70 -5.75
C ASP B 69 -1.37 -23.66 -4.67
N HIS B 70 -0.79 -24.80 -4.33
CA HIS B 70 0.22 -24.87 -3.29
C HIS B 70 1.53 -25.25 -3.91
N GLU B 71 1.49 -26.26 -4.75
CA GLU B 71 2.66 -26.65 -5.53
C GLU B 71 3.00 -25.67 -6.66
N ASP B 72 1.97 -25.17 -7.33
CA ASP B 72 2.13 -24.03 -8.22
C ASP B 72 2.98 -22.98 -7.49
N GLN B 73 2.57 -22.60 -6.28
CA GLN B 73 3.33 -21.65 -5.46
C GLN B 73 4.78 -22.07 -5.29
N ILE B 74 5.01 -23.35 -5.03
CA ILE B 74 6.38 -23.80 -4.83
C ILE B 74 7.17 -23.68 -6.14
N ALA B 75 6.61 -24.22 -7.21
CA ALA B 75 7.25 -24.22 -8.55
C ALA B 75 7.53 -22.80 -9.11
N LEU B 76 6.63 -21.86 -8.84
CA LEU B 76 6.92 -20.45 -9.14
C LEU B 76 8.27 -20.09 -8.59
N LEU B 77 8.34 -20.08 -7.26
CA LEU B 77 9.53 -19.71 -6.48
C LEU B 77 10.80 -20.52 -6.80
N LYS B 78 10.67 -21.81 -7.04
CA LYS B 78 11.83 -22.59 -7.41
C LYS B 78 12.31 -22.08 -8.75
N GLY B 79 11.41 -21.60 -9.59
CA GLY B 79 11.76 -21.03 -10.89
C GLY B 79 12.32 -19.61 -10.89
N SER B 80 11.85 -18.80 -9.96
CA SER B 80 12.29 -17.41 -9.84
C SER B 80 13.58 -17.18 -9.04
N ALA B 81 13.83 -17.94 -7.97
CA ALA B 81 14.95 -17.66 -7.04
C ALA B 81 16.23 -17.14 -7.68
N VAL B 82 16.69 -17.82 -8.71
CA VAL B 82 17.88 -17.33 -9.36
C VAL B 82 17.57 -16.13 -10.26
N GLU B 83 16.66 -16.24 -11.20
CA GLU B 83 16.37 -15.07 -12.04
C GLU B 83 16.33 -13.82 -11.17
N ALA B 84 15.46 -13.82 -10.18
CA ALA B 84 15.22 -12.63 -9.34
C ALA B 84 16.44 -12.13 -8.52
N MET B 85 17.40 -12.99 -8.25
CA MET B 85 18.64 -12.56 -7.65
C MET B 85 19.49 -11.79 -8.67
N PHE B 86 19.60 -12.27 -9.89
CA PHE B 86 20.30 -11.53 -10.96
C PHE B 86 19.73 -10.14 -11.19
N LEU B 87 18.42 -10.04 -11.05
CA LEU B 87 17.73 -8.78 -11.22
C LEU B 87 18.02 -7.84 -10.03
N ARG B 88 18.19 -8.42 -8.83
CA ARG B 88 18.57 -7.65 -7.66
C ARG B 88 19.96 -7.11 -7.84
N SER B 89 20.85 -7.97 -8.32
CA SER B 89 22.23 -7.59 -8.49
C SER B 89 22.28 -6.41 -9.39
N ALA B 90 21.57 -6.53 -10.48
CA ALA B 90 21.61 -5.54 -11.53
C ALA B 90 21.21 -4.15 -11.02
N GLU B 91 20.09 -4.04 -10.35
CA GLU B 91 19.71 -2.81 -9.64
C GLU B 91 20.89 -2.28 -8.83
N ILE B 92 21.44 -3.11 -7.92
CA ILE B 92 22.63 -2.69 -7.15
C ILE B 92 23.76 -2.18 -8.08
N PHE B 93 24.44 -3.08 -8.78
CA PHE B 93 25.48 -2.80 -9.83
C PHE B 93 25.34 -1.52 -10.67
N ASN B 94 24.13 -0.99 -10.85
CA ASN B 94 23.96 0.38 -11.43
C ASN B 94 23.15 1.44 -10.65
N LYS B 95 22.16 1.05 -9.86
CA LYS B 95 21.33 2.05 -9.12
C LYS B 95 21.99 2.44 -7.79
N LYS B 96 22.34 1.46 -6.96
CA LYS B 96 23.22 1.74 -5.82
C LYS B 96 24.62 1.96 -6.41
N LEU B 97 25.64 2.11 -5.56
CA LEU B 97 27.04 2.23 -6.02
C LEU B 97 27.31 3.54 -6.85
N PRO B 98 28.47 4.20 -6.63
CA PRO B 98 28.80 5.48 -7.28
C PRO B 98 28.75 5.47 -8.82
N SER B 99 29.83 5.03 -9.48
CA SER B 99 29.90 5.10 -10.95
C SER B 99 30.53 3.83 -11.58
N GLY B 100 29.91 2.69 -11.28
CA GLY B 100 30.14 1.42 -11.98
C GLY B 100 31.51 0.79 -11.83
N HIS B 101 32.18 0.61 -12.99
CA HIS B 101 33.39 -0.21 -13.15
C HIS B 101 34.38 -0.32 -11.96
N SER B 102 34.24 -1.34 -11.11
CA SER B 102 33.17 -2.35 -11.18
C SER B 102 33.48 -3.52 -10.26
N ASP B 103 33.60 -3.23 -8.96
CA ASP B 103 33.79 -4.29 -7.97
C ASP B 103 34.96 -5.22 -8.35
N LEU B 104 35.03 -5.56 -9.64
CA LEU B 104 36.25 -6.08 -10.31
C LEU B 104 37.14 -6.97 -9.42
N LEU B 105 36.51 -7.75 -8.56
CA LEU B 105 37.20 -8.67 -7.66
C LEU B 105 37.98 -9.78 -8.37
N GLU B 106 37.54 -10.13 -9.58
CA GLU B 106 37.90 -11.37 -10.32
C GLU B 106 39.20 -12.06 -9.98
N GLU B 107 40.26 -11.28 -9.85
CA GLU B 107 41.54 -11.74 -9.28
C GLU B 107 41.35 -12.34 -7.87
N ARG B 108 40.07 -12.48 -7.50
CA ARG B 108 39.61 -13.10 -6.26
C ARG B 108 38.35 -14.00 -6.44
N ILE B 109 38.02 -14.43 -7.65
CA ILE B 109 36.88 -15.38 -7.82
C ILE B 109 37.32 -16.80 -7.50
N ARG B 110 36.50 -17.52 -6.73
CA ARG B 110 36.74 -18.92 -6.39
C ARG B 110 35.68 -19.77 -7.08
N ASN B 111 35.37 -20.93 -6.52
CA ASN B 111 34.25 -21.76 -6.94
C ASN B 111 33.19 -21.73 -5.82
N SER B 112 32.34 -22.77 -5.79
CA SER B 112 31.15 -22.89 -4.89
C SER B 112 30.32 -24.22 -4.94
N GLY B 113 30.37 -25.02 -6.00
CA GLY B 113 31.02 -24.71 -7.28
C GLY B 113 30.36 -23.55 -8.00
N ILE B 114 31.14 -22.49 -8.23
CA ILE B 114 30.77 -21.28 -8.98
C ILE B 114 32.09 -20.61 -9.42
N SER B 115 32.40 -20.58 -10.73
CA SER B 115 33.73 -20.11 -11.22
C SER B 115 33.78 -18.73 -11.94
N ASP B 116 34.03 -18.75 -13.25
CA ASP B 116 34.18 -17.55 -14.09
C ASP B 116 33.10 -17.41 -15.14
N GLU B 117 32.38 -18.50 -15.36
CA GLU B 117 31.18 -18.53 -16.22
C GLU B 117 29.92 -18.03 -15.50
N TYR B 118 30.09 -17.59 -14.26
CA TYR B 118 29.06 -16.91 -13.51
C TYR B 118 29.27 -15.39 -13.57
N ILE B 119 30.55 -15.00 -13.56
CA ILE B 119 31.03 -13.62 -13.70
C ILE B 119 30.60 -12.96 -15.02
N THR B 120 31.06 -13.56 -16.13
CA THR B 120 30.79 -13.00 -17.46
C THR B 120 29.30 -12.77 -17.76
N PRO B 121 28.44 -13.82 -17.63
CA PRO B 121 26.94 -13.71 -17.70
C PRO B 121 26.31 -12.49 -17.00
N MET B 122 26.35 -12.50 -15.67
CA MET B 122 26.01 -11.36 -14.79
C MET B 122 26.58 -10.00 -15.24
N PHE B 123 27.65 -10.00 -16.04
CA PHE B 123 28.24 -8.74 -16.57
C PHE B 123 27.53 -8.15 -17.79
N SER B 124 27.43 -8.93 -18.84
CA SER B 124 26.68 -8.52 -20.03
C SER B 124 25.31 -8.06 -19.59
N PHE B 125 24.74 -8.82 -18.67
CA PHE B 125 23.38 -8.59 -18.24
C PHE B 125 23.21 -7.23 -17.57
N TYR B 126 23.98 -6.98 -16.51
CA TYR B 126 23.97 -5.68 -15.82
C TYR B 126 24.15 -4.48 -16.75
N LYS B 127 25.26 -4.44 -17.46
CA LYS B 127 25.52 -3.40 -18.46
C LYS B 127 24.34 -3.23 -19.43
N SER B 128 23.64 -4.31 -19.75
CA SER B 128 22.45 -4.19 -20.60
C SER B 128 21.21 -3.66 -19.86
N ILE B 129 21.07 -4.01 -18.59
CA ILE B 129 19.96 -3.48 -17.80
C ILE B 129 20.24 -1.98 -17.53
N GLY B 130 21.48 -1.66 -17.19
CA GLY B 130 21.90 -0.27 -16.99
C GLY B 130 21.59 0.58 -18.22
N GLU B 131 21.99 0.06 -19.38
CA GLU B 131 21.70 0.68 -20.63
C GLU B 131 20.23 1.05 -20.75
N LEU B 132 19.36 0.43 -19.97
CA LEU B 132 17.93 0.67 -20.08
C LEU B 132 17.53 1.80 -19.19
N LYS B 133 18.42 2.26 -18.34
CA LYS B 133 18.11 3.40 -17.53
C LYS B 133 16.68 3.25 -17.00
N MET B 134 16.45 2.20 -16.22
CA MET B 134 15.11 1.89 -15.72
C MET B 134 14.90 2.31 -14.26
N THR B 135 13.75 2.89 -13.97
CA THR B 135 13.41 3.39 -12.64
C THR B 135 13.07 2.24 -11.68
N GLN B 136 12.87 2.54 -10.41
CA GLN B 136 12.70 1.45 -9.43
C GLN B 136 11.41 0.70 -9.68
N GLU B 137 10.38 1.46 -10.00
CA GLU B 137 9.10 0.88 -10.30
C GLU B 137 9.26 -0.21 -11.34
N GLU B 138 10.14 0.04 -12.30
CA GLU B 138 10.41 -0.92 -13.35
C GLU B 138 11.16 -2.11 -12.76
N TYR B 139 11.99 -1.93 -11.76
CA TYR B 139 12.63 -3.09 -11.14
C TYR B 139 11.62 -3.89 -10.35
N ALA B 140 10.80 -3.21 -9.58
CA ALA B 140 9.77 -3.88 -8.81
C ALA B 140 8.91 -4.75 -9.74
N LEU B 141 8.15 -4.15 -10.63
CA LEU B 141 7.21 -4.91 -11.48
C LEU B 141 7.89 -6.01 -12.29
N LEU B 142 8.96 -5.64 -12.95
CA LEU B 142 9.74 -6.58 -13.72
C LEU B 142 10.12 -7.77 -12.89
N THR B 143 10.09 -7.64 -11.58
CA THR B 143 10.46 -8.74 -10.70
C THR B 143 9.28 -9.61 -10.41
N ALA B 144 8.14 -8.99 -10.15
CA ALA B 144 6.90 -9.76 -10.04
C ALA B 144 6.52 -10.46 -11.35
N ILE B 145 6.75 -9.79 -12.50
CA ILE B 145 6.53 -10.43 -13.77
C ILE B 145 7.31 -11.71 -13.85
N VAL B 146 8.51 -11.69 -13.27
CA VAL B 146 9.38 -12.86 -13.35
C VAL B 146 8.97 -14.01 -12.46
N ILE B 147 8.51 -13.72 -11.26
CA ILE B 147 8.06 -14.79 -10.38
C ILE B 147 6.76 -15.36 -10.98
N LEU B 148 5.83 -14.50 -11.31
CA LEU B 148 4.53 -14.92 -11.80
C LEU B 148 4.52 -15.39 -13.23
N SER B 149 5.38 -16.33 -13.54
CA SER B 149 5.59 -16.72 -14.91
C SER B 149 4.90 -18.05 -15.19
N PRO B 150 3.83 -18.03 -16.00
CA PRO B 150 3.06 -19.23 -16.26
C PRO B 150 3.69 -20.29 -17.17
N ASP B 151 4.92 -20.12 -17.63
CA ASP B 151 5.59 -21.20 -18.34
C ASP B 151 6.77 -21.80 -17.58
N ARG B 152 6.68 -21.85 -16.25
CA ARG B 152 7.66 -22.57 -15.44
C ARG B 152 7.30 -24.04 -15.54
N GLN B 153 8.29 -24.91 -15.54
CA GLN B 153 7.96 -26.32 -15.67
C GLN B 153 7.46 -26.74 -14.33
N TYR B 154 6.37 -27.51 -14.31
CA TYR B 154 5.72 -28.04 -13.09
C TYR B 154 4.46 -27.28 -12.63
N ILE B 155 4.17 -26.16 -13.26
CA ILE B 155 2.87 -25.51 -13.09
C ILE B 155 1.77 -26.40 -13.64
N LYS B 156 0.63 -26.43 -12.96
CA LYS B 156 -0.55 -27.19 -13.43
C LYS B 156 -1.63 -26.26 -13.97
N ASP B 157 -1.68 -25.04 -13.44
CA ASP B 157 -2.74 -24.11 -13.77
C ASP B 157 -2.14 -22.79 -14.33
N ARG B 158 -1.56 -22.89 -15.50
CA ARG B 158 -0.96 -21.75 -16.19
C ARG B 158 -1.89 -20.54 -16.25
N GLU B 159 -3.15 -20.76 -16.59
CA GLU B 159 -4.10 -19.64 -16.65
C GLU B 159 -4.36 -19.04 -15.26
N ALA B 160 -4.23 -19.84 -14.20
CA ALA B 160 -4.33 -19.27 -12.86
C ALA B 160 -3.23 -18.24 -12.62
N VAL B 161 -2.02 -18.58 -13.11
CA VAL B 161 -0.85 -17.71 -13.03
C VAL B 161 -0.88 -16.56 -14.03
N GLU B 162 -1.27 -16.82 -15.27
CA GLU B 162 -1.39 -15.72 -16.25
C GLU B 162 -2.38 -14.65 -15.82
N LYS B 163 -3.53 -15.04 -15.24
CA LYS B 163 -4.48 -14.02 -14.74
C LYS B 163 -3.73 -13.07 -13.81
N LEU B 164 -2.86 -13.60 -12.95
CA LEU B 164 -2.08 -12.79 -12.02
C LEU B 164 -0.95 -11.96 -12.63
N GLN B 165 -0.28 -12.50 -13.63
CA GLN B 165 0.86 -11.83 -14.29
C GLN B 165 0.35 -10.69 -15.17
N GLU B 166 -0.83 -10.88 -15.73
CA GLU B 166 -1.39 -10.02 -16.75
C GLU B 166 -1.44 -8.55 -16.35
N PRO B 167 -2.17 -8.24 -15.27
CA PRO B 167 -2.31 -6.87 -14.82
C PRO B 167 -0.97 -6.18 -14.63
N LEU B 168 0.02 -6.89 -14.10
CA LEU B 168 1.34 -6.34 -13.86
C LEU B 168 2.08 -6.02 -15.20
N LEU B 169 1.95 -6.89 -16.18
CA LEU B 169 2.45 -6.56 -17.51
C LEU B 169 1.73 -5.34 -18.03
N ASP B 170 0.42 -5.34 -17.85
CA ASP B 170 -0.41 -4.18 -18.25
C ASP B 170 0.09 -2.84 -17.68
N VAL B 171 0.46 -2.83 -16.41
CA VAL B 171 0.91 -1.59 -15.80
C VAL B 171 2.24 -1.20 -16.39
N LEU B 172 3.12 -2.17 -16.55
CA LEU B 172 4.48 -1.86 -16.94
C LEU B 172 4.45 -1.21 -18.29
N GLN B 173 3.64 -1.78 -19.17
CA GLN B 173 3.42 -1.16 -20.49
C GLN B 173 3.10 0.33 -20.38
N LYS B 174 2.04 0.67 -19.68
CA LYS B 174 1.70 2.08 -19.43
C LYS B 174 2.90 2.94 -18.97
N LEU B 175 3.56 2.52 -17.88
CA LEU B 175 4.67 3.34 -17.34
C LEU B 175 5.60 3.67 -18.44
N CYS B 176 5.99 2.66 -19.20
CA CYS B 176 6.87 2.85 -20.33
C CYS B 176 6.31 3.90 -21.25
N LYS B 177 5.08 3.65 -21.70
CA LYS B 177 4.34 4.53 -22.62
C LYS B 177 4.03 5.92 -22.03
N ILE B 178 4.51 6.18 -20.82
CA ILE B 178 4.32 7.45 -20.14
C ILE B 178 5.66 8.15 -19.90
N HIS B 179 6.61 7.45 -19.28
CA HIS B 179 7.90 8.02 -18.88
C HIS B 179 8.90 8.15 -20.04
N GLN B 180 8.58 7.56 -21.19
CA GLN B 180 9.47 7.56 -22.35
C GLN B 180 8.65 7.18 -23.60
N PRO B 181 7.89 8.16 -24.16
CA PRO B 181 7.14 7.90 -25.39
C PRO B 181 8.07 8.10 -26.60
N GLU B 182 9.21 8.74 -26.33
CA GLU B 182 10.22 8.96 -27.35
C GLU B 182 10.62 7.65 -28.02
N ASN B 183 10.94 6.64 -27.22
CA ASN B 183 11.26 5.31 -27.75
C ASN B 183 10.19 4.27 -27.46
N PRO B 184 9.27 4.03 -28.43
CA PRO B 184 8.13 3.11 -28.26
C PRO B 184 8.51 1.65 -28.12
N GLN B 185 9.81 1.39 -27.94
CA GLN B 185 10.34 0.03 -27.81
C GLN B 185 11.11 -0.11 -26.51
N HIS B 186 10.58 0.46 -25.46
CA HIS B 186 11.20 0.29 -24.16
C HIS B 186 10.65 -0.95 -23.47
N PHE B 187 9.34 -1.15 -23.56
CA PHE B 187 8.68 -2.27 -22.91
C PHE B 187 9.21 -3.54 -23.52
N ALA B 188 9.14 -3.64 -24.83
CA ALA B 188 9.76 -4.78 -25.54
C ALA B 188 11.22 -5.11 -25.10
N CYS B 189 12.04 -4.12 -24.78
CA CYS B 189 13.36 -4.42 -24.21
C CYS B 189 13.29 -4.98 -22.81
N LEU B 190 12.40 -4.45 -21.98
CA LEU B 190 12.30 -4.99 -20.65
C LEU B 190 12.01 -6.46 -20.79
N LEU B 191 11.02 -6.82 -21.60
CA LEU B 191 10.69 -8.25 -21.77
C LEU B 191 11.93 -9.01 -22.25
N GLY B 192 12.53 -8.48 -23.30
CA GLY B 192 13.75 -8.99 -23.87
C GLY B 192 14.81 -9.47 -22.90
N ARG B 193 14.96 -8.75 -21.79
CA ARG B 193 15.91 -9.11 -20.75
C ARG B 193 15.51 -10.33 -19.91
N LEU B 194 14.21 -10.55 -19.71
CA LEU B 194 13.77 -11.74 -18.98
C LEU B 194 14.27 -13.00 -19.67
N THR B 195 14.65 -12.85 -20.92
CA THR B 195 15.17 -13.95 -21.68
C THR B 195 16.63 -14.27 -21.34
N GLU B 196 17.49 -13.28 -21.28
CA GLU B 196 18.85 -13.49 -20.70
C GLU B 196 18.79 -14.06 -19.30
N LEU B 197 17.72 -13.73 -18.58
CA LEU B 197 17.43 -14.38 -17.32
C LEU B 197 17.16 -15.89 -17.50
N ARG B 198 16.16 -16.25 -18.27
CA ARG B 198 15.89 -17.67 -18.51
C ARG B 198 17.14 -18.39 -18.96
N THR B 199 17.96 -17.73 -19.75
CA THR B 199 19.18 -18.38 -20.21
C THR B 199 20.08 -18.79 -19.06
N PHE B 200 20.49 -17.83 -18.23
CA PHE B 200 21.41 -18.12 -17.14
C PHE B 200 20.99 -19.26 -16.28
N ASN B 201 19.71 -19.55 -16.27
CA ASN B 201 19.18 -20.79 -15.65
C ASN B 201 19.73 -22.12 -16.14
N HIS B 202 20.74 -22.10 -17.01
CA HIS B 202 21.44 -23.30 -17.45
C HIS B 202 22.90 -23.32 -16.95
N HIS B 203 23.58 -22.19 -17.07
CA HIS B 203 24.96 -22.01 -16.60
C HIS B 203 24.99 -22.01 -15.08
N HIS B 204 23.94 -21.47 -14.46
CA HIS B 204 23.69 -21.69 -13.04
C HIS B 204 22.72 -22.87 -13.08
N ALA B 205 23.19 -23.98 -13.63
CA ALA B 205 22.42 -25.23 -13.68
C ALA B 205 21.20 -25.15 -12.75
N GLU B 206 21.43 -25.37 -11.46
CA GLU B 206 20.48 -25.01 -10.44
C GLU B 206 21.19 -24.66 -9.11
N MET B 207 20.67 -23.68 -8.38
CA MET B 207 21.09 -23.41 -6.99
C MET B 207 20.23 -24.21 -5.97
N LEU B 208 20.25 -25.54 -6.08
CA LEU B 208 19.60 -26.38 -5.09
C LEU B 208 20.61 -26.82 -4.04
N MET B 209 20.14 -27.62 -3.08
CA MET B 209 20.94 -28.08 -1.95
C MET B 209 21.28 -26.90 -1.03
N SER B 210 22.47 -26.36 -1.24
CA SER B 210 23.10 -25.37 -0.34
C SER B 210 22.82 -23.96 -0.91
N TRP B 211 23.53 -22.90 -0.54
CA TRP B 211 24.72 -22.84 0.30
C TRP B 211 25.98 -23.40 -0.40
N SER C 1 -6.79 36.64 4.50
CA SER C 1 -7.76 37.01 5.57
C SER C 1 -9.18 36.62 5.17
N ASN C 2 -9.58 37.07 4.00
CA ASN C 2 -10.90 36.76 3.47
C ASN C 2 -10.94 35.30 2.99
N LEU C 3 -11.40 34.39 3.86
CA LEU C 3 -11.39 32.95 3.51
C LEU C 3 -12.24 31.98 4.34
N GLY C 4 -12.72 30.96 3.62
CA GLY C 4 -13.42 29.83 4.18
C GLY C 4 -12.81 28.49 3.73
N LEU C 5 -13.49 27.43 4.14
CA LEU C 5 -12.98 26.07 4.06
C LEU C 5 -12.27 25.78 2.74
N GLU C 6 -12.93 26.08 1.62
CA GLU C 6 -12.37 25.92 0.28
C GLU C 6 -10.88 26.33 0.11
N ASP C 7 -10.50 27.44 0.72
CA ASP C 7 -9.11 27.87 0.66
C ASP C 7 -8.21 26.93 1.46
N ILE C 8 -8.57 26.77 2.72
CA ILE C 8 -7.87 25.87 3.61
C ILE C 8 -7.74 24.55 2.87
N ILE C 9 -8.80 24.17 2.16
CA ILE C 9 -8.81 22.92 1.43
C ILE C 9 -7.83 23.01 0.29
N ARG C 10 -7.93 24.11 -0.48
CA ARG C 10 -7.03 24.40 -1.61
C ARG C 10 -5.58 24.38 -1.16
N LYS C 11 -5.27 25.30 -0.25
CA LYS C 11 -3.97 25.33 0.45
C LYS C 11 -3.52 23.96 0.98
N ALA C 12 -4.36 23.34 1.81
CA ALA C 12 -4.11 22.00 2.39
C ALA C 12 -3.94 20.87 1.38
N LEU C 13 -4.53 21.05 0.19
CA LEU C 13 -4.28 20.14 -0.92
C LEU C 13 -2.87 20.31 -1.48
N MET C 14 -2.25 21.48 -1.25
CA MET C 14 -0.87 21.76 -1.66
C MET C 14 0.12 21.68 -0.51
N GLY C 15 0.24 22.77 0.27
CA GLY C 15 1.17 22.84 1.39
C GLY C 15 0.43 23.08 2.68
N SER C 16 0.49 24.33 3.15
CA SER C 16 -0.12 24.78 4.42
C SER C 16 0.29 24.01 5.69
N PHE C 17 1.47 23.38 5.67
CA PHE C 17 2.05 22.77 6.89
C PHE C 17 3.58 22.92 6.96
N LEU D 2 -13.06 -12.06 -1.86
CA LEU D 2 -12.33 -10.85 -2.42
C LEU D 2 -11.38 -11.20 -3.53
N THR D 3 -11.50 -10.46 -4.63
CA THR D 3 -10.55 -10.58 -5.70
C THR D 3 -9.24 -9.94 -5.21
N PRO D 4 -8.13 -10.26 -5.89
CA PRO D 4 -6.87 -9.72 -5.45
C PRO D 4 -6.88 -8.20 -5.54
N ASP D 5 -7.36 -7.69 -6.67
CA ASP D 5 -7.48 -6.24 -6.89
C ASP D 5 -8.39 -5.56 -5.86
N GLN D 6 -9.41 -6.30 -5.44
CA GLN D 6 -10.33 -5.86 -4.42
C GLN D 6 -9.63 -5.79 -3.05
N GLN D 7 -8.70 -6.71 -2.82
CA GLN D 7 -7.93 -6.78 -1.59
C GLN D 7 -6.77 -5.80 -1.57
N THR D 8 -6.14 -5.60 -2.72
CA THR D 8 -5.11 -4.57 -2.84
C THR D 8 -5.77 -3.24 -2.48
N LEU D 9 -6.97 -3.01 -2.99
CA LEU D 9 -7.75 -1.79 -2.68
C LEU D 9 -7.91 -1.61 -1.18
N LEU D 10 -8.38 -2.67 -0.52
CA LEU D 10 -8.56 -2.70 0.94
C LEU D 10 -7.29 -2.51 1.80
N HIS D 11 -6.22 -3.27 1.56
CA HIS D 11 -4.96 -3.06 2.30
C HIS D 11 -4.49 -1.64 2.08
N PHE D 12 -4.60 -1.17 0.86
CA PHE D 12 -4.20 0.18 0.53
C PHE D 12 -4.94 1.20 1.41
N ILE D 13 -6.27 1.09 1.48
CA ILE D 13 -7.06 2.11 2.18
C ILE D 13 -6.76 2.04 3.67
N MET D 14 -6.49 0.82 4.14
CA MET D 14 -6.24 0.57 5.56
C MET D 14 -4.94 1.19 6.03
N ASP D 15 -3.85 0.83 5.36
CA ASP D 15 -2.51 1.47 5.54
C ASP D 15 -2.58 3.03 5.50
N SER D 16 -3.40 3.57 4.60
CA SER D 16 -3.60 5.02 4.47
C SER D 16 -4.47 5.64 5.56
N TYR D 17 -5.32 4.82 6.17
CA TYR D 17 -6.20 5.26 7.25
C TYR D 17 -5.57 5.02 8.60
N ASN D 18 -4.57 4.16 8.59
CA ASN D 18 -3.83 3.73 9.77
C ASN D 18 -2.70 4.66 10.10
N LYS D 19 -2.24 5.39 9.09
CA LYS D 19 -1.19 6.37 9.26
C LYS D 19 -1.57 7.57 10.17
N GLN D 20 -2.80 7.58 10.70
CA GLN D 20 -3.25 8.66 11.61
C GLN D 20 -3.59 8.14 13.03
N ARG D 21 -3.11 8.87 14.04
CA ARG D 21 -2.87 8.37 15.41
C ARG D 21 -3.63 9.17 16.50
N MET D 22 -3.32 9.04 17.80
CA MET D 22 -2.38 8.06 18.40
C MET D 22 -3.02 7.11 19.41
N PRO D 23 -2.99 7.46 20.71
CA PRO D 23 -3.52 6.84 21.94
C PRO D 23 -3.10 7.60 23.21
N GLN D 24 -2.15 7.06 23.98
CA GLN D 24 -1.63 7.74 25.18
C GLN D 24 -0.86 9.04 24.87
N GLU D 25 -0.89 9.48 23.61
CA GLU D 25 -0.11 10.65 23.13
C GLU D 25 -0.99 11.90 22.85
N ILE D 26 -2.10 11.71 22.15
CA ILE D 26 -3.07 12.80 21.98
C ILE D 26 -4.38 12.44 22.67
N THR D 27 -4.84 11.20 22.45
CA THR D 27 -6.04 10.68 23.10
C THR D 27 -5.89 10.65 24.63
N ASN D 28 -4.75 11.15 25.10
CA ASN D 28 -4.60 11.60 26.48
C ASN D 28 -5.72 12.58 26.87
N LYS D 29 -6.12 13.41 25.91
CA LYS D 29 -7.30 14.27 26.02
C LYS D 29 -8.45 13.52 26.71
N ILE D 30 -8.29 12.20 26.79
CA ILE D 30 -9.06 11.33 27.66
C ILE D 30 -9.18 11.87 29.09
N LEU D 31 -10.12 11.30 29.85
CA LEU D 31 -10.38 11.70 31.25
C LEU D 31 -9.12 12.08 32.03
N LYS D 32 -7.99 11.48 31.67
CA LYS D 32 -6.69 11.92 32.19
C LYS D 32 -6.45 13.32 31.63
N GLU D 33 -7.05 14.29 32.31
CA GLU D 33 -7.09 15.71 31.93
C GLU D 33 -8.53 16.19 32.11
N GLU D 34 -8.70 17.31 32.80
CA GLU D 34 -10.02 17.94 32.96
C GLU D 34 -10.11 19.21 32.11
N PHE D 35 -9.05 20.02 32.14
CA PHE D 35 -8.98 21.30 31.41
C PHE D 35 -10.35 21.84 31.01
N SER D 36 -11.16 22.16 32.00
CA SER D 36 -12.58 22.45 31.76
C SER D 36 -12.82 23.84 31.16
N ALA D 37 -14.04 24.05 30.68
CA ALA D 37 -14.45 25.32 30.06
C ALA D 37 -13.56 25.70 28.85
N GLU D 38 -13.46 27.00 28.54
CA GLU D 38 -12.66 27.49 27.39
C GLU D 38 -11.21 26.99 27.29
N GLU D 39 -10.72 26.24 28.25
CA GLU D 39 -9.47 25.52 28.06
C GLU D 39 -9.79 24.43 27.05
N ASN D 40 -10.80 23.64 27.39
CA ASN D 40 -11.41 22.68 26.47
C ASN D 40 -11.50 23.22 25.06
N PHE D 41 -11.86 24.49 24.96
CA PHE D 41 -12.07 25.12 23.68
C PHE D 41 -10.75 25.14 22.92
N LEU D 42 -9.89 26.13 23.17
CA LEU D 42 -8.55 26.18 22.56
C LEU D 42 -7.99 24.80 22.15
N ILE D 43 -8.18 23.75 22.98
CA ILE D 43 -7.73 22.42 22.56
C ILE D 43 -8.49 21.97 21.31
N LEU D 44 -9.83 21.89 21.38
CA LEU D 44 -10.63 21.32 20.29
C LEU D 44 -10.34 22.02 19.00
N THR D 45 -10.30 23.35 19.06
CA THR D 45 -9.93 24.08 17.86
C THR D 45 -8.64 23.48 17.20
N GLU D 46 -7.66 23.03 17.98
CA GLU D 46 -6.42 22.43 17.42
C GLU D 46 -6.68 21.05 16.79
N MET D 47 -7.63 20.33 17.38
CA MET D 47 -8.04 19.02 16.88
C MET D 47 -8.69 19.20 15.51
N ALA D 48 -9.74 20.02 15.50
CA ALA D 48 -10.53 20.33 14.32
C ALA D 48 -9.62 20.61 13.13
N THR D 49 -8.82 21.65 13.27
CA THR D 49 -7.73 22.00 12.35
C THR D 49 -6.88 20.80 11.88
N ASN D 50 -6.19 20.18 12.83
CA ASN D 50 -5.38 19.03 12.52
C ASN D 50 -6.21 17.98 11.76
N HIS D 51 -7.44 17.74 12.23
CA HIS D 51 -8.38 16.81 11.61
C HIS D 51 -8.50 17.16 10.14
N VAL D 52 -8.97 18.37 9.89
CA VAL D 52 -9.06 18.85 8.51
C VAL D 52 -7.82 18.43 7.71
N GLN D 53 -6.63 18.63 8.25
CA GLN D 53 -5.47 18.35 7.45
C GLN D 53 -5.28 16.85 7.29
N VAL D 54 -5.52 16.07 8.34
CA VAL D 54 -5.40 14.59 8.22
C VAL D 54 -6.33 14.04 7.14
N LEU D 55 -7.54 14.62 7.03
CA LEU D 55 -8.52 14.20 6.05
C LEU D 55 -8.01 14.35 4.63
N VAL D 56 -7.64 15.58 4.30
CA VAL D 56 -7.08 15.91 2.99
C VAL D 56 -5.98 14.94 2.61
N GLU D 57 -5.09 14.71 3.53
CA GLU D 57 -4.00 13.78 3.29
C GLU D 57 -4.49 12.30 3.13
N PHE D 58 -5.54 11.90 3.84
CA PHE D 58 -6.07 10.54 3.68
C PHE D 58 -6.78 10.39 2.35
N THR D 59 -7.42 11.47 1.97
CA THR D 59 -8.22 11.56 0.82
C THR D 59 -7.40 11.61 -0.47
N LYS D 60 -6.37 12.47 -0.51
CA LYS D 60 -5.40 12.54 -1.66
C LYS D 60 -4.87 11.16 -2.06
N LYS D 61 -4.87 10.26 -1.08
CA LYS D 61 -4.30 8.93 -1.16
C LYS D 61 -5.45 7.92 -1.31
N LEU D 62 -6.25 8.11 -2.35
CA LEU D 62 -7.50 7.40 -2.52
C LEU D 62 -7.69 7.13 -3.98
N PRO D 63 -7.60 5.86 -4.40
CA PRO D 63 -7.48 5.50 -5.80
C PRO D 63 -8.37 6.34 -6.69
N GLY D 64 -7.73 7.12 -7.57
CA GLY D 64 -8.40 7.98 -8.53
C GLY D 64 -8.72 9.40 -8.10
N PHE D 65 -8.49 9.74 -6.85
CA PHE D 65 -8.97 11.05 -6.38
C PHE D 65 -8.23 12.21 -7.04
N GLN D 66 -6.90 12.11 -7.08
CA GLN D 66 -6.05 13.10 -7.73
C GLN D 66 -6.23 13.17 -9.26
N THR D 67 -7.00 12.23 -9.81
CA THR D 67 -7.42 12.30 -11.22
C THR D 67 -8.79 12.95 -11.37
N LEU D 68 -9.39 13.43 -10.28
CA LEU D 68 -10.71 14.05 -10.37
C LEU D 68 -10.51 15.54 -10.57
N ASP D 69 -11.59 16.23 -10.91
CA ASP D 69 -11.57 17.66 -11.22
C ASP D 69 -11.21 18.47 -9.99
N HIS D 70 -10.31 19.44 -10.15
CA HIS D 70 -9.93 20.29 -9.04
C HIS D 70 -11.16 20.96 -8.46
N GLU D 71 -11.98 21.58 -9.31
CA GLU D 71 -13.30 22.03 -8.88
C GLU D 71 -14.02 20.97 -7.98
N ASP D 72 -14.04 19.72 -8.45
CA ASP D 72 -14.67 18.54 -7.78
C ASP D 72 -14.01 18.19 -6.45
N GLN D 73 -12.77 17.75 -6.52
CA GLN D 73 -11.97 17.46 -5.35
C GLN D 73 -12.26 18.41 -4.17
N ILE D 74 -12.36 19.69 -4.45
CA ILE D 74 -12.63 20.63 -3.40
C ILE D 74 -14.03 20.41 -2.83
N ALA D 75 -15.00 20.24 -3.73
CA ALA D 75 -16.41 20.17 -3.34
C ALA D 75 -16.66 18.97 -2.42
N LEU D 76 -16.07 17.84 -2.81
CA LEU D 76 -16.05 16.65 -2.01
C LEU D 76 -15.43 16.88 -0.64
N LEU D 77 -14.17 17.29 -0.58
CA LEU D 77 -13.54 17.50 0.75
C LEU D 77 -14.28 18.55 1.56
N LYS D 78 -14.91 19.51 0.93
CA LYS D 78 -15.68 20.51 1.67
C LYS D 78 -16.99 19.92 2.17
N GLY D 79 -17.52 18.95 1.44
CA GLY D 79 -18.79 18.35 1.78
C GLY D 79 -18.63 17.27 2.82
N SER D 80 -17.48 16.61 2.77
CA SER D 80 -17.19 15.55 3.71
C SER D 80 -16.57 16.00 5.04
N ALA D 81 -15.98 17.20 5.08
CA ALA D 81 -15.14 17.59 6.25
C ALA D 81 -15.76 17.29 7.64
N VAL D 82 -17.00 17.70 7.84
CA VAL D 82 -17.68 17.39 9.06
C VAL D 82 -18.12 15.91 9.20
N GLU D 83 -18.85 15.36 8.25
CA GLU D 83 -19.30 13.95 8.37
C GLU D 83 -18.14 13.07 8.84
N ALA D 84 -16.99 13.19 8.21
CA ALA D 84 -15.87 12.35 8.57
C ALA D 84 -15.32 12.62 9.98
N MET D 85 -15.44 13.84 10.44
CA MET D 85 -15.04 14.17 11.79
C MET D 85 -15.92 13.34 12.73
N PHE D 86 -17.24 13.45 12.59
CA PHE D 86 -18.19 12.55 13.28
C PHE D 86 -17.85 11.05 13.20
N LEU D 87 -17.56 10.55 12.01
CA LEU D 87 -17.27 9.14 11.85
C LEU D 87 -16.07 8.69 12.68
N ARG D 88 -15.07 9.54 12.82
CA ARG D 88 -13.88 9.23 13.63
C ARG D 88 -14.19 9.29 15.11
N SER D 89 -14.95 10.32 15.47
CA SER D 89 -15.47 10.45 16.79
C SER D 89 -16.18 9.17 17.23
N ALA D 90 -17.25 8.80 16.54
CA ALA D 90 -17.95 7.59 16.85
C ALA D 90 -16.98 6.42 17.01
N GLU D 91 -16.09 6.25 16.05
CA GLU D 91 -15.09 5.22 16.14
C GLU D 91 -14.35 5.30 17.47
N ILE D 92 -14.00 6.53 17.85
CA ILE D 92 -13.30 6.78 19.11
C ILE D 92 -14.17 6.46 20.33
N PHE D 93 -15.43 6.84 20.35
CA PHE D 93 -16.33 6.40 21.45
C PHE D 93 -16.51 4.86 21.57
N ASN D 94 -16.38 4.12 20.47
CA ASN D 94 -16.63 2.65 20.49
C ASN D 94 -15.37 1.78 20.53
N LYS D 95 -14.36 2.11 19.73
CA LYS D 95 -13.17 1.26 19.53
C LYS D 95 -12.14 1.54 20.62
N LYS D 96 -11.72 2.79 20.77
CA LYS D 96 -10.93 3.23 21.93
C LYS D 96 -11.82 3.52 23.15
N LEU D 97 -11.18 3.95 24.23
CA LEU D 97 -11.78 4.16 25.56
C LEU D 97 -12.43 2.89 26.15
N PRO D 98 -12.21 2.62 27.46
CA PRO D 98 -12.90 1.48 28.05
C PRO D 98 -14.36 1.82 28.40
N SER D 99 -14.56 2.67 29.41
CA SER D 99 -15.91 3.09 29.89
C SER D 99 -16.29 4.52 29.44
N GLY D 100 -17.30 4.61 28.55
CA GLY D 100 -17.76 5.87 27.93
C GLY D 100 -18.31 6.95 28.87
N HIS D 101 -17.38 7.76 29.39
CA HIS D 101 -17.60 8.82 30.39
C HIS D 101 -18.95 9.55 30.40
N SER D 102 -19.45 9.89 29.21
CA SER D 102 -20.57 10.82 28.99
C SER D 102 -20.33 12.21 29.63
N ASP D 103 -20.56 12.34 30.93
CA ASP D 103 -20.64 13.64 31.62
C ASP D 103 -19.45 14.59 31.47
N LEU D 104 -18.22 14.05 31.48
CA LEU D 104 -17.01 14.83 31.24
C LEU D 104 -17.29 15.88 30.14
N LEU D 105 -18.07 15.48 29.12
CA LEU D 105 -18.53 16.41 28.06
C LEU D 105 -19.77 17.22 28.45
N GLU D 106 -20.70 16.61 29.19
CA GLU D 106 -21.98 17.24 29.50
C GLU D 106 -21.87 18.43 30.50
N GLU D 107 -21.14 18.22 31.59
CA GLU D 107 -20.98 19.26 32.63
C GLU D 107 -20.41 20.56 32.05
N ARG D 108 -19.43 20.42 31.17
CA ARG D 108 -18.93 21.52 30.33
C ARG D 108 -19.32 21.22 28.88
N ILE D 109 -18.39 21.41 27.94
CA ILE D 109 -18.61 21.05 26.52
C ILE D 109 -19.59 21.95 25.79
N ARG D 110 -20.43 22.62 26.58
CA ARG D 110 -21.29 23.68 26.08
C ARG D 110 -20.46 24.95 25.92
N ASN D 111 -20.32 25.38 24.66
CA ASN D 111 -19.73 26.69 24.26
C ASN D 111 -19.91 27.05 22.77
N SER D 112 -20.94 26.50 22.13
CA SER D 112 -21.38 26.84 20.75
C SER D 112 -20.63 26.18 19.60
N SER D 115 -24.52 24.37 22.02
CA SER D 115 -24.97 23.91 23.32
C SER D 115 -25.02 22.38 23.28
N ASP D 116 -26.13 21.79 23.73
CA ASP D 116 -26.38 20.36 23.55
C ASP D 116 -26.80 20.05 22.09
N GLU D 117 -27.19 21.11 21.39
CA GLU D 117 -27.54 21.09 19.95
C GLU D 117 -26.53 20.30 19.13
N TYR D 118 -25.30 20.25 19.63
CA TYR D 118 -24.24 19.51 19.01
C TYR D 118 -23.94 18.23 19.77
N ILE D 119 -24.34 18.15 21.05
CA ILE D 119 -24.03 16.99 21.87
C ILE D 119 -24.91 15.79 21.53
N THR D 120 -26.22 15.99 21.51
CA THR D 120 -27.14 14.87 21.38
C THR D 120 -26.97 14.14 20.05
N PRO D 121 -27.20 14.84 18.93
CA PRO D 121 -26.90 14.28 17.59
C PRO D 121 -25.54 13.61 17.43
N MET D 122 -24.65 13.85 18.39
CA MET D 122 -23.35 13.17 18.45
C MET D 122 -23.43 11.92 19.36
N PHE D 123 -24.12 12.07 20.48
CA PHE D 123 -24.25 10.99 21.45
C PHE D 123 -25.15 9.91 20.90
N SER D 124 -26.35 10.32 20.49
CA SER D 124 -27.22 9.46 19.71
C SER D 124 -26.48 8.76 18.57
N PHE D 125 -25.85 9.54 17.69
CA PHE D 125 -25.17 9.01 16.49
C PHE D 125 -24.25 7.87 16.84
N TYR D 126 -23.28 8.11 17.71
CA TYR D 126 -22.24 7.10 17.92
C TYR D 126 -22.78 5.84 18.60
N LYS D 127 -23.91 5.96 19.30
CA LYS D 127 -24.55 4.79 19.92
C LYS D 127 -25.18 3.88 18.87
N SER D 128 -25.91 4.49 17.93
CA SER D 128 -26.53 3.76 16.86
C SER D 128 -25.48 3.12 16.02
N ILE D 129 -24.33 3.77 15.89
CA ILE D 129 -23.21 3.20 15.13
C ILE D 129 -22.60 2.06 15.97
N GLY D 130 -22.58 2.25 17.28
CA GLY D 130 -22.11 1.23 18.23
C GLY D 130 -22.79 -0.12 18.15
N GLU D 131 -24.11 -0.13 18.09
CA GLU D 131 -24.88 -1.38 17.90
C GLU D 131 -24.26 -2.27 16.84
N LEU D 132 -23.82 -1.64 15.75
CA LEU D 132 -23.34 -2.30 14.55
C LEU D 132 -22.04 -3.05 14.75
N LYS D 133 -21.35 -2.69 15.84
CA LYS D 133 -20.13 -3.36 16.22
C LYS D 133 -19.23 -3.48 15.00
N MET D 134 -18.71 -2.35 14.56
CA MET D 134 -17.91 -2.31 13.34
C MET D 134 -16.47 -2.70 13.53
N THR D 135 -15.85 -3.17 12.46
CA THR D 135 -14.43 -3.42 12.49
C THR D 135 -13.68 -2.16 12.07
N GLN D 136 -12.45 -2.00 12.54
CA GLN D 136 -11.57 -0.94 12.04
C GLN D 136 -11.78 -0.70 10.55
N GLU D 137 -11.77 -1.80 9.81
CA GLU D 137 -11.77 -1.79 8.38
C GLU D 137 -13.10 -1.25 7.82
N GLU D 138 -14.16 -1.35 8.60
CA GLU D 138 -15.45 -0.81 8.22
C GLU D 138 -15.49 0.72 8.44
N TYR D 139 -14.67 1.25 9.36
CA TYR D 139 -14.65 2.70 9.56
C TYR D 139 -13.91 3.39 8.44
N ALA D 140 -12.69 2.93 8.17
CA ALA D 140 -11.91 3.35 7.01
C ALA D 140 -12.75 3.36 5.72
N LEU D 141 -13.40 2.26 5.38
CA LEU D 141 -14.09 2.21 4.11
C LEU D 141 -15.25 3.14 4.17
N LEU D 142 -16.00 3.06 5.25
CA LEU D 142 -17.24 3.82 5.35
C LEU D 142 -16.89 5.32 5.31
N THR D 143 -15.64 5.61 5.70
CA THR D 143 -15.05 6.94 5.56
C THR D 143 -14.68 7.27 4.11
N ALA D 144 -14.00 6.38 3.45
CA ALA D 144 -13.73 6.56 2.04
C ALA D 144 -15.03 6.77 1.24
N ILE D 145 -16.08 6.00 1.59
CA ILE D 145 -17.41 6.08 0.94
C ILE D 145 -18.10 7.42 1.16
N VAL D 146 -18.01 7.93 2.37
CA VAL D 146 -18.44 9.29 2.69
C VAL D 146 -17.77 10.37 1.84
N ILE D 147 -16.45 10.29 1.68
CA ILE D 147 -15.70 11.35 1.00
C ILE D 147 -16.05 11.36 -0.51
N LEU D 148 -15.97 10.20 -1.12
CA LEU D 148 -16.37 10.00 -2.48
C LEU D 148 -17.91 9.88 -2.65
N SER D 149 -18.60 10.98 -2.42
CA SER D 149 -20.05 11.04 -2.56
C SER D 149 -20.50 11.93 -3.72
N PRO D 150 -21.02 11.31 -4.79
CA PRO D 150 -21.41 12.12 -5.95
C PRO D 150 -22.72 12.94 -5.83
N ASP D 151 -23.33 13.02 -4.64
CA ASP D 151 -24.47 13.92 -4.48
C ASP D 151 -24.12 15.17 -3.72
N ARG D 152 -22.83 15.43 -3.53
CA ARG D 152 -22.47 16.70 -2.92
C ARG D 152 -22.76 17.88 -3.86
N GLN D 153 -23.39 18.93 -3.32
CA GLN D 153 -23.80 20.09 -4.14
C GLN D 153 -22.59 20.77 -4.75
N TYR D 154 -22.72 21.17 -6.01
CA TYR D 154 -21.67 21.82 -6.77
C TYR D 154 -20.65 20.88 -7.40
N ILE D 155 -20.82 19.57 -7.29
CA ILE D 155 -19.96 18.64 -8.04
C ILE D 155 -20.25 18.82 -9.54
N LYS D 156 -19.20 18.84 -10.35
CA LYS D 156 -19.38 19.01 -11.80
C LYS D 156 -19.66 17.67 -12.47
N ASP D 157 -18.68 16.76 -12.37
CA ASP D 157 -18.64 15.49 -13.09
C ASP D 157 -18.84 14.35 -12.06
N ARG D 158 -20.12 14.02 -11.86
CA ARG D 158 -20.59 13.11 -10.80
C ARG D 158 -20.35 11.60 -11.02
N GLU D 159 -20.20 11.14 -12.25
CA GLU D 159 -19.91 9.72 -12.43
C GLU D 159 -18.39 9.44 -12.42
N ALA D 160 -17.59 10.49 -12.43
CA ALA D 160 -16.18 10.29 -12.25
C ALA D 160 -16.04 9.87 -10.80
N VAL D 161 -16.86 10.48 -9.96
CA VAL D 161 -16.87 10.24 -8.53
C VAL D 161 -17.48 8.83 -8.26
N GLU D 162 -18.73 8.64 -8.69
CA GLU D 162 -19.37 7.34 -8.60
C GLU D 162 -18.48 6.17 -9.06
N LYS D 163 -17.65 6.40 -10.07
CA LYS D 163 -16.74 5.38 -10.59
C LYS D 163 -15.64 5.05 -9.60
N LEU D 164 -15.34 6.00 -8.72
CA LEU D 164 -14.35 5.80 -7.68
C LEU D 164 -14.96 5.34 -6.36
N GLN D 165 -16.24 5.60 -6.16
CA GLN D 165 -16.92 5.11 -4.97
C GLN D 165 -17.36 3.65 -5.11
N GLU D 166 -17.89 3.29 -6.27
CA GLU D 166 -18.48 1.95 -6.45
C GLU D 166 -17.58 0.81 -5.94
N PRO D 167 -16.28 0.78 -6.36
CA PRO D 167 -15.49 -0.34 -5.90
C PRO D 167 -15.37 -0.35 -4.40
N LEU D 168 -15.29 0.83 -3.76
CA LEU D 168 -15.26 0.94 -2.29
C LEU D 168 -16.56 0.39 -1.67
N LEU D 169 -17.69 0.65 -2.33
CA LEU D 169 -18.98 0.08 -1.96
C LEU D 169 -19.03 -1.44 -2.17
N ASP D 170 -18.46 -1.91 -3.29
CA ASP D 170 -18.30 -3.35 -3.60
C ASP D 170 -17.59 -4.13 -2.48
N VAL D 171 -16.45 -3.59 -2.04
CA VAL D 171 -15.62 -4.19 -1.00
C VAL D 171 -16.33 -4.27 0.34
N LEU D 172 -16.85 -3.15 0.82
CA LEU D 172 -17.48 -3.06 2.15
C LEU D 172 -18.66 -3.99 2.29
N GLN D 173 -19.40 -4.20 1.20
CA GLN D 173 -20.45 -5.20 1.23
C GLN D 173 -19.86 -6.61 1.32
N LYS D 174 -18.91 -6.98 0.45
CA LYS D 174 -18.33 -8.36 0.53
C LYS D 174 -17.81 -8.61 1.94
N LEU D 175 -17.15 -7.63 2.53
CA LEU D 175 -16.66 -7.83 3.88
C LEU D 175 -17.81 -8.13 4.81
N CYS D 176 -18.89 -7.40 4.61
CA CYS D 176 -20.08 -7.55 5.44
C CYS D 176 -20.66 -8.97 5.43
N LYS D 177 -20.71 -9.61 4.26
CA LYS D 177 -21.37 -10.92 4.09
C LYS D 177 -20.36 -12.03 4.30
N ILE D 178 -19.34 -11.69 5.07
CA ILE D 178 -18.16 -12.50 5.22
C ILE D 178 -17.50 -12.19 6.56
N HIS D 179 -18.25 -11.52 7.43
CA HIS D 179 -17.84 -11.13 8.78
C HIS D 179 -19.02 -11.33 9.71
N GLN D 180 -20.19 -10.98 9.18
CA GLN D 180 -21.49 -11.17 9.86
C GLN D 180 -22.54 -11.67 8.86
N PRO D 181 -22.49 -12.98 8.51
CA PRO D 181 -23.61 -13.59 7.81
C PRO D 181 -24.72 -13.85 8.82
N GLU D 182 -24.37 -13.76 10.11
CA GLU D 182 -25.32 -13.76 11.23
C GLU D 182 -26.40 -12.66 11.16
N ASN D 183 -26.05 -11.48 10.65
CA ASN D 183 -27.08 -10.50 10.27
C ASN D 183 -27.00 -10.11 8.80
N PRO D 184 -27.83 -10.75 7.94
CA PRO D 184 -28.01 -10.32 6.56
C PRO D 184 -28.44 -8.86 6.38
N GLN D 185 -28.42 -8.06 7.43
CA GLN D 185 -28.78 -6.64 7.32
C GLN D 185 -27.65 -5.69 7.71
N HIS D 186 -26.43 -6.21 7.82
CA HIS D 186 -25.32 -5.38 8.27
C HIS D 186 -25.04 -4.24 7.25
N PHE D 187 -24.61 -4.61 6.05
CA PHE D 187 -24.35 -3.62 5.02
C PHE D 187 -25.47 -2.63 5.00
N ALA D 188 -26.70 -3.11 4.84
CA ALA D 188 -27.82 -2.16 4.68
C ALA D 188 -28.02 -1.20 5.85
N CYS D 189 -27.81 -1.64 7.08
CA CYS D 189 -27.74 -0.70 8.22
C CYS D 189 -26.58 0.25 8.11
N LEU D 190 -25.38 -0.27 7.82
CA LEU D 190 -24.22 0.57 7.57
C LEU D 190 -24.57 1.74 6.67
N LEU D 191 -25.01 1.45 5.44
CA LEU D 191 -25.45 2.52 4.54
C LEU D 191 -26.36 3.48 5.25
N GLY D 192 -27.33 2.90 5.93
CA GLY D 192 -28.45 3.62 6.45
C GLY D 192 -28.15 4.55 7.60
N ARG D 193 -26.95 4.42 8.17
CA ARG D 193 -26.44 5.37 9.16
C ARG D 193 -25.84 6.61 8.56
N LEU D 194 -25.26 6.51 7.37
CA LEU D 194 -24.88 7.69 6.58
C LEU D 194 -25.97 8.73 6.60
N THR D 195 -27.20 8.26 6.55
CA THR D 195 -28.38 9.11 6.56
C THR D 195 -28.42 10.00 7.78
N GLU D 196 -28.09 9.41 8.92
CA GLU D 196 -28.04 10.15 10.19
C GLU D 196 -27.01 11.26 10.06
N LEU D 197 -25.89 10.93 9.44
CA LEU D 197 -24.82 11.92 9.15
C LEU D 197 -25.22 13.07 8.25
N ARG D 198 -25.75 12.78 7.08
CA ARG D 198 -26.14 13.82 6.09
C ARG D 198 -27.04 14.82 6.74
N THR D 199 -27.97 14.34 7.53
CA THR D 199 -28.89 15.17 8.30
C THR D 199 -28.14 16.27 9.06
N PHE D 200 -27.23 15.88 9.93
CA PHE D 200 -26.41 16.84 10.68
C PHE D 200 -25.78 17.99 9.90
N ASN D 201 -25.56 17.85 8.61
CA ASN D 201 -25.38 19.03 7.77
C ASN D 201 -26.70 19.86 7.77
N HIS D 202 -26.95 20.43 8.95
CA HIS D 202 -27.94 21.46 9.19
C HIS D 202 -27.67 21.95 10.62
N HIS D 203 -27.28 20.99 11.49
CA HIS D 203 -26.86 21.27 12.87
C HIS D 203 -25.49 21.86 12.77
N HIS D 204 -24.82 21.59 11.65
CA HIS D 204 -23.74 22.43 11.18
C HIS D 204 -24.36 23.33 10.10
N ALA D 205 -24.36 24.63 10.38
CA ALA D 205 -24.36 25.63 9.31
C ALA D 205 -23.12 25.26 8.51
N GLU D 206 -22.01 25.24 9.23
CA GLU D 206 -20.82 24.45 8.90
C GLU D 206 -19.63 25.15 9.53
N MET D 207 -18.61 24.37 9.90
CA MET D 207 -17.36 24.94 10.43
C MET D 207 -16.45 25.34 9.27
N LEU D 208 -16.80 26.45 8.63
CA LEU D 208 -16.09 26.96 7.47
C LEU D 208 -15.93 28.48 7.49
N MET D 209 -16.30 29.11 8.61
CA MET D 209 -15.85 30.47 8.94
C MET D 209 -14.53 30.30 9.69
N SER D 210 -14.57 30.41 11.02
CA SER D 210 -13.38 30.17 11.85
C SER D 210 -13.06 28.68 11.74
N TRP D 211 -13.47 27.76 12.63
CA TRP D 211 -13.69 27.86 14.10
C TRP D 211 -14.90 28.66 14.54
#